data_9MTX
#
_entry.id   9MTX
#
_cell.length_a   1.00
_cell.length_b   1.00
_cell.length_c   1.00
_cell.angle_alpha   90.00
_cell.angle_beta   90.00
_cell.angle_gamma   90.00
#
_symmetry.space_group_name_H-M   'P 1'
#
loop_
_entity.id
_entity.type
_entity.pdbx_description
1 polymer 'Nanobody VHH 29E09'
2 polymer 'receptor protein-tyrosine kinase'
#
loop_
_entity_poly.entity_id
_entity_poly.type
_entity_poly.pdbx_seq_one_letter_code
_entity_poly.pdbx_strand_id
1 'polypeptide(L)'
;EVQLVESGGGVVQPGGSLRLSCVASRIPASIRTMAWYRQTPGNQRDWLATIGSSGTPAYADSVKGRFTVSRDNAKNTVYL
QMNSLRPEDTALYYCRDVNGDYWGQGTLVTVSSAAAHHHHHH
;
A
2 'polypeptide(L)'
;TQVCTGTDMKLRLPASPETHLDMQRHLYQGCQVVQGNLELTYLPTNASLSFLQDIQEVQGYVLIAHNQVRQVPLQRLRIV
RGTQLFEDNYALAVLDNGDPLNNTTPVTGASPGGLRELQLRSLTEILKGGVLIQRNPQLCYQDTILWKDIFHKNNQLALT
LIDTNRSRACHPCSPMCKGSRCWGESSEDCQSLTRTVCAGGCARCKGPLPTDCCHEQCAAGCTGPKHSDCLACLHFNHSG
ICELHCPALVTYNTDTFESMPNPEGRYTFGASCVTACPYNYLSTDVGSCTLVCPLHNQEVTAEDGTQRCEKCSKPCARVC
YGLGMEHLREVRAVTSANIQEFAGCKKIFGSLAFLPESFDGDPASNTAPLQPEQLQVFETLEEITGYLYISAWPDSLPDL
SVFQNLQVIRGRILHNGAYSLTLQGLGISWLGLRSLRELGSGLALIHHNTHLCFVHTVPWDQLFRNPHQALLHTANRPED
ECVGEGLACHQLCARGHCWGPGPTQCVNCSQFLRGQECVEECRVLQGLPREYVNARHCLPCHPECQPQNGSVTCFGPEAD
QCVACAHYKDPPFCVARCPSGVKPDLSYMPIWKFPDEEGACQPCPINCTHSCVDLDDKGCPAEQRASPLT
;
B
#
# COMPACT_ATOMS: atom_id res chain seq x y z
N GLN A 3 -7.53 0.00 20.47
CA GLN A 3 -8.92 0.38 20.68
C GLN A 3 -9.02 1.78 21.25
N LEU A 4 -9.50 2.71 20.44
CA LEU A 4 -9.65 4.10 20.82
C LEU A 4 -11.11 4.52 20.70
N VAL A 5 -11.59 5.25 21.70
CA VAL A 5 -12.96 5.75 21.73
C VAL A 5 -12.93 7.25 21.95
N GLU A 6 -13.63 7.99 21.09
CA GLU A 6 -13.71 9.44 21.20
C GLU A 6 -15.04 9.85 21.84
N SER A 7 -15.04 11.08 22.38
CA SER A 7 -16.21 11.60 23.05
C SER A 7 -16.10 13.11 23.13
N GLY A 8 -17.15 13.81 22.71
CA GLY A 8 -17.15 15.26 22.76
C GLY A 8 -17.79 15.93 21.57
N GLY A 9 -18.24 15.14 20.60
CA GLY A 9 -18.92 15.67 19.44
C GLY A 9 -20.40 15.91 19.70
N GLY A 10 -21.10 16.29 18.65
CA GLY A 10 -22.53 16.51 18.72
C GLY A 10 -22.91 17.75 17.93
N VAL A 11 -24.10 18.26 18.22
CA VAL A 11 -24.61 19.44 17.54
C VAL A 11 -24.14 20.69 18.26
N VAL A 12 -23.81 21.73 17.49
CA VAL A 12 -23.36 23.00 18.04
C VAL A 12 -23.75 24.11 17.06
N GLN A 13 -23.90 25.33 17.60
CA GLN A 13 -24.23 26.48 16.78
C GLN A 13 -22.98 27.00 16.07
N PRO A 14 -23.14 27.62 14.89
CA PRO A 14 -22.01 28.25 14.23
C PRO A 14 -21.42 29.34 15.10
N GLY A 15 -20.09 29.45 15.07
CA GLY A 15 -19.39 30.32 15.98
C GLY A 15 -19.13 29.72 17.35
N GLY A 16 -19.60 28.50 17.58
CA GLY A 16 -19.38 27.84 18.86
C GLY A 16 -18.06 27.11 18.94
N SER A 17 -17.88 26.39 20.04
N SER A 17 -17.87 26.40 20.05
CA SER A 17 -16.66 25.65 20.31
CA SER A 17 -16.66 25.64 20.32
C SER A 17 -17.00 24.23 20.75
C SER A 17 -17.01 24.23 20.73
N LEU A 18 -16.05 23.33 20.57
CA LEU A 18 -16.20 21.93 20.95
C LEU A 18 -14.83 21.39 21.33
N ARG A 19 -14.81 20.33 22.14
CA ARG A 19 -13.57 19.70 22.55
C ARG A 19 -13.77 18.19 22.59
N LEU A 20 -13.18 17.49 21.62
CA LEU A 20 -13.24 16.04 21.57
C LEU A 20 -12.17 15.44 22.49
N SER A 21 -12.30 14.14 22.72
CA SER A 21 -11.30 13.39 23.47
C SER A 21 -11.02 12.10 22.72
N CYS A 22 -9.94 11.42 23.11
CA CYS A 22 -9.62 10.13 22.50
C CYS A 22 -8.91 9.30 23.56
N VAL A 23 -9.69 8.47 24.27
CA VAL A 23 -9.18 7.70 25.40
C VAL A 23 -8.73 6.33 24.90
N ALA A 24 -7.48 5.97 25.18
CA ALA A 24 -6.97 4.66 24.83
C ALA A 24 -7.53 3.62 25.80
N SER A 25 -8.05 2.52 25.25
CA SER A 25 -8.60 1.47 26.09
C SER A 25 -7.53 0.82 26.95
N ARG A 26 -6.36 0.55 26.37
CA ARG A 26 -5.21 0.05 27.11
C ARG A 26 -4.27 1.20 27.42
N ILE A 27 -3.37 0.96 28.38
CA ILE A 27 -2.38 1.94 28.80
C ILE A 27 -1.03 1.53 28.23
N PRO A 28 -0.53 2.20 27.18
CA PRO A 28 0.77 1.82 26.62
C PRO A 28 1.91 2.22 27.55
N ALA A 29 3.04 1.52 27.37
CA ALA A 29 4.24 1.86 28.13
C ALA A 29 4.71 3.27 27.81
N SER A 30 4.67 3.64 26.53
CA SER A 30 4.97 5.00 26.09
C SER A 30 3.70 5.63 25.54
N ILE A 31 3.58 6.95 25.75
CA ILE A 31 2.37 7.66 25.37
C ILE A 31 2.16 7.76 23.87
N ARG A 32 3.17 7.39 23.08
CA ARG A 32 3.04 7.20 21.63
C ARG A 32 2.66 8.52 20.97
N THR A 33 2.09 8.44 19.76
CA THR A 33 1.81 9.62 18.95
C THR A 33 0.43 9.47 18.34
N MET A 34 -0.42 10.47 18.53
CA MET A 34 -1.81 10.43 18.10
C MET A 34 -2.09 11.58 17.15
N ALA A 35 -2.87 11.31 16.11
CA ALA A 35 -3.19 12.29 15.09
C ALA A 35 -4.70 12.40 14.93
N TRP A 36 -5.15 13.60 14.55
CA TRP A 36 -6.57 13.89 14.41
C TRP A 36 -6.90 14.07 12.94
N TYR A 37 -7.94 13.40 12.48
CA TYR A 37 -8.37 13.44 11.09
C TYR A 37 -9.81 13.96 11.03
N ARG A 38 -10.34 14.04 9.81
CA ARG A 38 -11.68 14.55 9.58
C ARG A 38 -12.15 14.06 8.22
N GLN A 39 -13.27 13.33 8.19
CA GLN A 39 -13.76 12.71 6.96
C GLN A 39 -15.10 13.36 6.60
N THR A 40 -15.06 14.26 5.62
CA THR A 40 -16.29 14.76 5.03
C THR A 40 -16.86 13.70 4.09
N PRO A 41 -18.16 13.42 4.17
CA PRO A 41 -18.74 12.31 3.40
C PRO A 41 -18.41 12.40 1.91
N GLY A 42 -17.86 11.32 1.37
CA GLY A 42 -17.43 11.24 0.00
C GLY A 42 -15.95 11.52 -0.21
N ASN A 43 -15.30 12.17 0.74
CA ASN A 43 -13.89 12.53 0.62
C ASN A 43 -13.04 11.67 1.54
N GLN A 44 -11.47 11.68 1.15
CA GLN A 44 -10.63 10.95 2.09
C GLN A 44 -10.51 11.69 3.42
N ARG A 45 -10.39 11.02 4.50
CA ARG A 45 -10.30 11.65 5.81
C ARG A 45 -9.09 12.57 5.84
N ASP A 46 -9.36 13.88 5.85
CA ASP A 46 -8.30 14.88 5.77
C ASP A 46 -7.60 15.05 7.11
N TRP A 47 -6.30 15.22 7.06
CA TRP A 47 -5.51 15.42 8.26
C TRP A 47 -5.82 16.77 8.90
N LEU A 48 -5.91 16.79 10.23
CA LEU A 48 -6.13 18.02 10.97
C LEU A 48 -4.93 18.40 11.82
N ALA A 49 -4.49 17.52 12.72
CA ALA A 49 -3.40 17.84 13.63
C ALA A 49 -2.77 16.55 14.13
N THR A 50 -1.55 16.69 14.61
CA THR A 50 -0.79 15.58 15.18
C THR A 50 -0.14 16.07 16.46
N ILE A 51 0.01 15.17 17.44
CA ILE A 51 0.70 15.49 18.67
C ILE A 51 1.58 14.30 19.04
N GLY A 52 2.82 14.58 19.41
CA GLY A 52 3.79 13.54 19.69
C GLY A 52 3.88 13.20 21.17
N SER A 53 4.81 12.27 21.47
CA SER A 53 5.03 11.86 22.85
C SER A 53 5.54 13.02 23.69
N SER A 54 6.47 13.81 23.16
CA SER A 54 6.98 14.97 23.89
C SER A 54 5.88 15.99 24.11
N GLY A 55 5.03 16.21 23.11
CA GLY A 55 3.96 17.19 23.18
C GLY A 55 4.00 18.23 22.07
N THR A 56 4.95 18.16 21.15
CA THR A 56 5.02 19.14 20.07
C THR A 56 3.96 18.82 19.02
N PRO A 57 3.01 19.72 18.76
CA PRO A 57 1.95 19.44 17.80
C PRO A 57 2.31 19.94 16.39
N ALA A 58 1.47 19.56 15.44
CA ALA A 58 1.63 19.98 14.06
C ALA A 58 0.25 20.06 13.43
N TYR A 59 -0.16 21.25 13.02
CA TYR A 59 -1.49 21.48 12.48
C TYR A 59 -1.45 21.64 10.97
N ALA A 60 -2.53 21.21 10.32
CA ALA A 60 -2.68 21.45 8.89
C ALA A 60 -2.87 22.94 8.62
N ASP A 61 -2.68 23.32 7.36
CA ASP A 61 -2.77 24.74 7.00
C ASP A 61 -4.18 25.28 7.20
N SER A 62 -5.19 24.48 6.87
CA SER A 62 -6.57 24.97 6.89
C SER A 62 -7.04 25.30 8.30
N VAL A 63 -6.71 24.46 9.28
CA VAL A 63 -7.27 24.59 10.62
C VAL A 63 -6.26 25.18 11.62
N LYS A 64 -5.06 25.53 11.18
CA LYS A 64 -4.08 26.10 12.10
C LYS A 64 -4.56 27.46 12.60
N GLY A 65 -4.48 27.67 13.90
CA GLY A 65 -4.92 28.89 14.54
C GLY A 65 -6.30 28.84 15.15
N ARG A 66 -7.14 27.90 14.69
CA ARG A 66 -8.48 27.70 15.24
C ARG A 66 -8.55 26.50 16.18
N PHE A 67 -8.02 25.36 15.73
CA PHE A 67 -8.04 24.14 16.53
C PHE A 67 -6.79 24.07 17.40
N THR A 68 -6.95 23.48 18.58
CA THR A 68 -5.85 23.29 19.52
C THR A 68 -5.86 21.85 19.99
N VAL A 69 -4.71 21.19 19.89
CA VAL A 69 -4.57 19.79 20.26
C VAL A 69 -3.63 19.71 21.46
N SER A 70 -3.98 18.83 22.41
CA SER A 70 -3.19 18.65 23.63
C SER A 70 -3.43 17.24 24.14
N ARG A 71 -2.76 16.91 25.25
CA ARG A 71 -2.86 15.58 25.83
C ARG A 71 -2.70 15.67 27.34
N ASP A 72 -3.19 14.62 28.01
CA ASP A 72 -3.07 14.47 29.46
C ASP A 72 -2.53 13.06 29.70
N ASN A 73 -1.23 12.96 29.97
CA ASN A 73 -0.61 11.65 30.17
C ASN A 73 -1.12 10.94 31.42
N ALA A 74 -1.71 11.67 32.36
CA ALA A 74 -2.28 11.03 33.55
C ALA A 74 -3.42 10.12 33.18
N LYS A 75 -4.30 10.56 32.27
CA LYS A 75 -5.44 9.78 31.82
C LYS A 75 -5.27 9.24 30.41
N ASN A 76 -4.08 9.43 29.82
CA ASN A 76 -3.78 9.07 28.42
C ASN A 76 -4.92 9.41 27.47
N THR A 77 -5.36 10.67 27.53
CA THR A 77 -6.37 11.20 26.62
C THR A 77 -5.80 12.38 25.86
N VAL A 78 -6.09 12.44 24.57
CA VAL A 78 -5.71 13.55 23.71
C VAL A 78 -6.98 14.31 23.32
N TYR A 79 -6.95 15.62 23.50
CA TYR A 79 -8.09 16.47 23.19
C TYR A 79 -7.84 17.24 21.90
N LEU A 80 -8.94 17.67 21.27
CA LEU A 80 -8.89 18.54 20.09
C LEU A 80 -9.87 19.68 20.35
N GLN A 81 -9.36 20.78 20.89
CA GLN A 81 -10.21 21.93 21.21
C GLN A 81 -10.49 22.71 19.93
N MET A 82 -11.75 22.73 19.52
CA MET A 82 -12.18 23.49 18.36
C MET A 82 -12.70 24.86 18.77
N ASN A 83 -12.59 25.82 17.85
CA ASN A 83 -12.99 27.19 18.13
C ASN A 83 -13.60 27.80 16.89
N SER A 84 -14.52 28.73 17.10
CA SER A 84 -15.19 29.47 16.02
C SER A 84 -15.70 28.52 14.95
N LEU A 85 -16.48 27.54 15.38
CA LEU A 85 -16.98 26.52 14.46
C LEU A 85 -17.88 27.12 13.40
N ARG A 86 -17.81 26.39 12.25
CA ARG A 86 -18.42 26.93 11.03
C ARG A 86 -19.19 25.85 10.28
N PRO A 87 -20.35 26.22 9.63
CA PRO A 87 -21.15 25.15 9.01
C PRO A 87 -20.35 24.20 8.13
N GLU A 88 -19.22 24.64 7.58
CA GLU A 88 -18.40 23.78 6.74
C GLU A 88 -17.57 22.78 7.54
N ASP A 89 -17.60 22.84 8.86
CA ASP A 89 -16.78 21.99 9.72
C ASP A 89 -17.48 20.70 10.14
N THR A 90 -18.67 20.43 9.63
CA THR A 90 -19.40 19.23 10.04
C THR A 90 -18.90 18.02 9.27
N ALA A 91 -18.36 17.05 10.00
CA ALA A 91 -17.80 15.83 9.40
C ALA A 91 -17.49 14.87 10.55
N LEU A 92 -17.01 13.69 10.19
CA LEU A 92 -16.63 12.66 11.15
C LEU A 92 -15.18 12.87 11.58
N TYR A 93 -14.94 12.87 12.88
CA TYR A 93 -13.62 13.15 13.44
C TYR A 93 -13.09 11.90 14.11
N TYR A 94 -11.94 11.43 13.66
CA TYR A 94 -11.32 10.20 14.15
C TYR A 94 -9.91 10.49 14.65
N CYS A 95 -9.51 9.78 15.70
CA CYS A 95 -8.15 9.83 16.21
C CYS A 95 -7.45 8.52 15.85
N ARG A 96 -6.22 8.62 15.38
CA ARG A 96 -5.42 7.45 15.06
C ARG A 96 -4.17 7.43 15.93
N ASP A 97 -3.73 6.22 16.28
CA ASP A 97 -2.46 6.02 16.96
C ASP A 97 -1.41 5.77 15.89
N VAL A 98 -0.53 6.76 15.69
CA VAL A 98 0.43 6.67 14.59
C VAL A 98 1.40 5.52 14.82
N ASN A 99 1.89 5.38 16.05
CA ASN A 99 2.77 4.26 16.41
C ASN A 99 1.91 3.02 16.67
N GLY A 100 1.47 2.40 15.57
CA GLY A 100 0.64 1.22 15.67
C GLY A 100 -0.45 1.17 14.63
N ASP A 101 -0.76 2.33 14.03
CA ASP A 101 -1.79 2.44 12.99
C ASP A 101 -3.14 1.95 13.49
N TYR A 102 -3.41 2.17 14.78
CA TYR A 102 -4.75 1.96 15.31
C TYR A 102 -5.61 3.18 15.05
N TRP A 103 -6.85 2.94 14.64
CA TRP A 103 -7.77 4.01 14.29
C TRP A 103 -8.95 4.02 15.26
N GLY A 104 -9.50 5.22 15.47
CA GLY A 104 -10.72 5.36 16.23
C GLY A 104 -11.95 5.08 15.38
N GLN A 105 -13.11 5.16 16.03
CA GLN A 105 -14.37 4.91 15.35
C GLN A 105 -15.06 6.19 14.87
N GLY A 106 -14.72 7.33 15.44
CA GLY A 106 -15.25 8.60 14.97
C GLY A 106 -16.38 9.10 15.85
N THR A 107 -16.49 10.42 15.93
CA THR A 107 -17.61 11.10 16.60
C THR A 107 -18.07 12.22 15.69
N LEU A 108 -19.29 12.10 15.17
CA LEU A 108 -19.81 13.08 14.24
C LEU A 108 -20.03 14.41 14.93
N VAL A 109 -19.52 15.48 14.32
CA VAL A 109 -19.69 16.84 14.82
C VAL A 109 -20.57 17.59 13.82
N THR A 110 -21.71 18.09 14.30
CA THR A 110 -22.66 18.82 13.46
C THR A 110 -22.70 20.27 13.89
N VAL A 111 -22.57 21.18 12.94
CA VAL A 111 -22.61 22.61 13.20
C VAL A 111 -23.86 23.17 12.51
N SER A 112 -24.79 23.70 13.30
CA SER A 112 -26.03 24.24 12.75
C SER A 112 -26.69 25.19 13.73
N GLN B 2 7.02 0.77 -18.80
CA GLN B 2 6.55 -0.48 -19.38
C GLN B 2 6.17 -1.48 -18.29
N VAL B 3 7.11 -1.77 -17.39
CA VAL B 3 6.94 -2.76 -16.33
C VAL B 3 7.00 -2.04 -14.99
N CYS B 4 5.98 -2.25 -14.16
CA CYS B 4 5.92 -1.71 -12.82
C CYS B 4 5.64 -2.84 -11.83
N THR B 5 5.65 -2.52 -10.54
CA THR B 5 5.44 -3.49 -9.48
C THR B 5 4.19 -3.13 -8.70
N GLY B 6 3.54 -4.15 -8.14
CA GLY B 6 2.29 -3.98 -7.44
C GLY B 6 2.46 -3.59 -5.99
N THR B 7 1.40 -3.83 -5.21
CA THR B 7 1.34 -3.42 -3.82
C THR B 7 0.69 -4.54 -3.02
N ASP B 8 0.90 -4.54 -1.71
CA ASP B 8 0.52 -5.67 -0.86
C ASP B 8 -0.14 -5.21 0.45
N MET B 9 -1.14 -4.34 0.37
CA MET B 9 -2.04 -4.12 1.49
C MET B 9 -3.44 -4.60 1.09
N LYS B 10 -4.11 -5.30 2.00
CA LYS B 10 -5.40 -5.92 1.73
C LYS B 10 -6.42 -5.36 2.69
N LEU B 11 -7.30 -4.48 2.18
CA LEU B 11 -8.41 -3.92 2.94
C LEU B 11 -7.96 -3.07 4.12
N ARG B 12 -6.65 -2.85 4.24
CA ARG B 12 -6.10 -2.06 5.33
C ARG B 12 -6.16 -0.58 4.99
N LEU B 13 -6.45 0.23 6.01
CA LEU B 13 -6.48 1.68 5.81
C LEU B 13 -5.09 2.16 5.41
N PRO B 14 -4.98 3.17 4.55
CA PRO B 14 -3.67 3.57 4.04
C PRO B 14 -2.74 4.05 5.13
N ALA B 15 -1.44 3.85 4.91
CA ALA B 15 -0.44 4.38 5.83
C ALA B 15 -0.46 5.90 5.84
N SER B 16 -0.84 6.52 4.73
CA SER B 16 -1.02 7.97 4.66
C SER B 16 -2.22 8.25 3.75
N PRO B 17 -3.39 8.53 4.34
CA PRO B 17 -4.56 8.87 3.51
C PRO B 17 -4.36 10.10 2.66
N GLU B 18 -3.46 11.00 3.07
CA GLU B 18 -3.25 12.25 2.33
C GLU B 18 -2.45 12.04 1.06
N THR B 19 -1.49 11.13 1.06
CA THR B 19 -0.63 10.88 -0.11
C THR B 19 -0.92 9.53 -0.76
N HIS B 20 -2.12 8.97 -0.53
CA HIS B 20 -2.45 7.68 -1.12
C HIS B 20 -2.53 7.77 -2.65
N LEU B 21 -3.17 8.83 -3.15
CA LEU B 21 -3.27 9.00 -4.60
C LEU B 21 -1.92 9.38 -5.19
N ASP B 22 -1.11 10.13 -4.44
CA ASP B 22 0.24 10.45 -4.90
C ASP B 22 1.11 9.19 -4.91
N MET B 23 0.89 8.30 -3.94
CA MET B 23 1.58 7.01 -3.95
C MET B 23 1.17 6.19 -5.17
N GLN B 24 -0.12 6.17 -5.57
CA GLN B 24 -0.55 5.26 -6.63
C GLN B 24 0.06 5.67 -7.96
N ARG B 25 -0.11 7.24 -8.09
CA ARG B 25 0.32 7.84 -9.35
C ARG B 25 1.80 7.62 -9.58
N HIS B 26 2.60 7.57 -8.51
CA HIS B 26 4.03 7.33 -8.65
C HIS B 26 4.36 5.89 -8.99
N LEU B 27 3.38 4.98 -8.92
CA LEU B 27 3.62 3.57 -9.15
C LEU B 27 3.17 3.10 -10.53
N TYR B 28 2.01 3.54 -11.01
CA TYR B 28 1.43 3.06 -12.25
C TYR B 28 1.44 4.13 -13.35
N GLN B 29 2.43 5.02 -13.34
CA GLN B 29 2.48 6.11 -14.31
C GLN B 29 3.16 5.62 -15.58
N GLY B 30 2.37 5.38 -16.62
CA GLY B 30 2.89 4.96 -17.91
C GLY B 30 3.67 3.66 -17.87
N GLN B 32 2.84 -0.52 -17.97
CA GLN B 32 1.90 -1.28 -18.76
C GLN B 32 1.67 -2.68 -18.17
N VAL B 33 2.73 -3.27 -17.64
CA VAL B 33 2.68 -4.59 -17.05
C VAL B 33 3.00 -4.47 -15.56
N VAL B 34 2.08 -4.95 -14.72
CA VAL B 34 2.21 -4.85 -13.27
C VAL B 34 2.67 -6.21 -12.76
N GLN B 35 3.88 -6.26 -12.21
CA GLN B 35 4.45 -7.51 -11.70
C GLN B 35 4.10 -7.71 -10.22
N GLY B 36 2.80 -7.82 -9.98
CA GLY B 36 2.31 -7.95 -8.62
C GLY B 36 0.81 -7.78 -8.57
N ASN B 37 0.34 -7.23 -7.44
CA ASN B 37 -1.09 -7.04 -7.20
C ASN B 37 -1.46 -5.59 -7.44
N LEU B 38 -2.57 -5.37 -8.15
CA LEU B 38 -3.09 -4.04 -8.41
C LEU B 38 -4.21 -3.78 -7.41
N GLU B 39 -3.91 -2.98 -6.38
CA GLU B 39 -4.83 -2.75 -5.28
C GLU B 39 -5.16 -1.27 -5.22
N LEU B 40 -6.44 -0.94 -5.44
CA LEU B 40 -6.92 0.43 -5.45
C LEU B 40 -8.01 0.55 -4.40
N THR B 41 -7.66 1.08 -3.23
CA THR B 41 -8.58 1.15 -2.10
C THR B 41 -8.59 2.55 -1.51
N TYR B 42 -9.76 2.94 -0.99
CA TYR B 42 -9.96 4.20 -0.28
C TYR B 42 -9.64 5.41 -1.16
N LEU B 43 -10.26 5.44 -2.33
CA LEU B 43 -10.07 6.59 -3.20
C LEU B 43 -11.26 7.54 -3.10
N PRO B 44 -11.03 8.85 -3.05
CA PRO B 44 -12.13 9.80 -2.95
C PRO B 44 -12.93 9.87 -4.25
N THR B 45 -14.15 10.40 -4.13
CA THR B 45 -15.07 10.42 -5.26
C THR B 45 -14.61 11.31 -6.40
N ASN B 46 -13.80 12.33 -6.12
CA ASN B 46 -13.31 13.25 -7.13
C ASN B 46 -11.90 12.91 -7.61
N ALA B 47 -11.38 11.75 -7.26
CA ALA B 47 -10.03 11.38 -7.65
C ALA B 47 -9.95 11.15 -9.15
N SER B 48 -8.85 11.61 -9.75
CA SER B 48 -8.59 11.40 -11.16
C SER B 48 -7.59 10.26 -11.31
N LEU B 49 -7.96 9.25 -12.09
CA LEU B 49 -7.17 8.04 -12.26
C LEU B 49 -6.71 7.88 -13.70
N SER B 50 -6.25 8.97 -14.32
CA SER B 50 -5.79 8.93 -15.70
C SER B 50 -4.47 8.20 -15.86
N PHE B 51 -3.79 7.85 -14.76
CA PHE B 51 -2.53 7.13 -14.83
C PHE B 51 -2.73 5.63 -15.04
N LEU B 52 -3.95 5.11 -14.83
CA LEU B 52 -4.24 3.70 -15.00
C LEU B 52 -4.66 3.34 -16.41
N GLN B 53 -4.64 4.29 -17.35
CA GLN B 53 -5.19 4.05 -18.67
C GLN B 53 -4.37 3.06 -19.48
N ASP B 54 -3.05 3.07 -19.32
CA ASP B 54 -2.15 2.28 -20.16
C ASP B 54 -1.83 0.91 -19.61
N ILE B 55 -2.34 0.55 -18.43
CA ILE B 55 -2.01 -0.72 -17.81
C ILE B 55 -2.59 -1.86 -18.66
N GLN B 56 -1.77 -2.87 -18.91
CA GLN B 56 -2.13 -3.97 -19.80
C GLN B 56 -2.34 -5.29 -19.06
N GLU B 57 -1.36 -5.74 -18.28
CA GLU B 57 -1.43 -7.03 -17.62
C GLU B 57 -1.04 -6.88 -16.15
N VAL B 58 -1.67 -7.70 -15.31
CA VAL B 58 -1.36 -7.77 -13.89
C VAL B 58 -0.94 -9.20 -13.56
N GLN B 59 0.20 -9.34 -12.90
CA GLN B 59 0.72 -10.67 -12.60
C GLN B 59 -0.04 -11.33 -11.45
N GLY B 60 -0.37 -10.58 -10.42
CA GLY B 60 -1.02 -11.15 -9.24
C GLY B 60 -2.53 -11.07 -9.31
N TYR B 61 -3.15 -10.30 -8.42
CA TYR B 61 -4.59 -10.16 -8.39
C TYR B 61 -4.97 -8.69 -8.40
N VAL B 62 -6.20 -8.42 -8.79
CA VAL B 62 -6.74 -7.06 -8.90
C VAL B 62 -7.75 -6.88 -7.78
N LEU B 63 -7.43 -6.02 -6.82
CA LEU B 63 -8.31 -5.72 -5.69
C LEU B 63 -8.79 -4.29 -5.82
N ILE B 64 -10.12 -4.12 -5.82
CA ILE B 64 -10.76 -2.81 -5.88
C ILE B 64 -11.80 -2.79 -4.77
N ALA B 65 -11.46 -2.20 -3.63
CA ALA B 65 -12.30 -2.31 -2.45
C ALA B 65 -12.36 -0.98 -1.72
N HIS B 66 -13.49 -0.76 -1.03
CA HIS B 66 -13.69 0.39 -0.17
C HIS B 66 -13.47 1.71 -0.92
N ASN B 67 -13.89 1.74 -2.17
CA ASN B 67 -13.69 2.90 -3.04
C ASN B 67 -14.90 3.83 -2.99
N GLN B 68 -14.66 5.08 -3.39
CA GLN B 68 -15.72 6.06 -3.57
C GLN B 68 -15.73 6.67 -4.95
N VAL B 69 -14.82 6.25 -5.84
CA VAL B 69 -14.74 6.83 -7.17
C VAL B 69 -15.98 6.46 -7.97
N ARG B 70 -16.24 7.25 -9.02
CA ARG B 70 -17.33 6.94 -9.93
C ARG B 70 -17.04 5.67 -10.73
N GLN B 71 -15.85 5.59 -11.32
CA GLN B 71 -15.44 4.41 -12.08
C GLN B 71 -13.93 4.39 -12.19
N VAL B 72 -13.37 3.20 -12.20
CA VAL B 72 -11.92 2.99 -12.32
C VAL B 72 -11.61 2.72 -13.78
N PRO B 73 -10.79 3.54 -14.43
CA PRO B 73 -10.53 3.38 -15.88
C PRO B 73 -9.39 2.42 -16.21
N LEU B 74 -9.62 1.14 -16.02
CA LEU B 74 -8.72 0.10 -16.49
C LEU B 74 -9.19 -0.44 -17.84
N GLN B 75 -9.17 0.45 -18.82
CA GLN B 75 -9.79 0.16 -20.12
C GLN B 75 -9.04 -0.94 -20.85
N ARG B 76 -7.71 -0.83 -20.95
CA ARG B 76 -6.90 -1.71 -21.77
C ARG B 76 -6.38 -2.93 -21.02
N LEU B 77 -6.78 -3.12 -19.76
CA LEU B 77 -6.34 -4.28 -18.99
C LEU B 77 -6.70 -5.57 -19.72
N ARG B 78 -5.68 -6.34 -20.10
CA ARG B 78 -5.91 -7.52 -20.93
C ARG B 78 -6.07 -8.79 -20.10
N ILE B 79 -5.04 -9.16 -19.35
CA ILE B 79 -5.02 -10.43 -18.64
C ILE B 79 -4.45 -10.22 -17.25
N VAL B 80 -5.11 -10.78 -16.24
CA VAL B 80 -4.58 -10.85 -14.89
C VAL B 80 -4.24 -12.32 -14.62
N ARG B 81 -2.96 -12.61 -14.45
CA ARG B 81 -2.46 -13.98 -14.47
C ARG B 81 -2.78 -14.76 -13.20
N GLY B 82 -3.04 -14.07 -12.09
CA GLY B 82 -3.39 -14.76 -10.85
C GLY B 82 -2.29 -15.61 -10.26
N THR B 83 -1.05 -15.14 -10.31
CA THR B 83 0.02 -15.85 -9.61
C THR B 83 -0.22 -15.88 -8.11
N GLN B 84 -0.66 -14.76 -7.54
CA GLN B 84 -1.13 -14.69 -6.17
C GLN B 84 -2.62 -14.45 -6.16
N LEU B 85 -3.29 -14.87 -5.09
CA LEU B 85 -4.74 -14.83 -5.02
C LEU B 85 -5.18 -14.17 -3.72
N PHE B 86 -6.28 -13.41 -3.81
CA PHE B 86 -6.87 -12.79 -2.64
C PHE B 86 -7.63 -13.84 -1.86
N GLU B 87 -7.23 -14.06 -0.60
CA GLU B 87 -7.74 -15.15 0.23
C GLU B 87 -7.51 -16.51 -0.43
N ASP B 88 -6.46 -16.59 -1.24
CA ASP B 88 -6.03 -17.82 -1.91
C ASP B 88 -7.10 -18.42 -2.81
N ASN B 89 -8.12 -17.65 -3.18
CA ASN B 89 -9.17 -18.15 -4.06
C ASN B 89 -9.44 -17.21 -5.22
N TYR B 90 -9.27 -15.92 -5.00
CA TYR B 90 -9.79 -14.90 -5.91
C TYR B 90 -8.65 -14.12 -6.55
N ALA B 91 -8.67 -14.02 -7.88
CA ALA B 91 -7.74 -13.17 -8.61
C ALA B 91 -8.32 -11.80 -8.93
N LEU B 92 -9.62 -11.61 -8.79
CA LEU B 92 -10.27 -10.31 -8.89
C LEU B 92 -11.25 -10.18 -7.74
N ALA B 93 -11.16 -9.08 -7.00
CA ALA B 93 -11.96 -8.91 -5.79
C ALA B 93 -12.46 -7.47 -5.73
N VAL B 94 -13.77 -7.29 -5.90
CA VAL B 94 -14.42 -6.00 -5.74
C VAL B 94 -15.31 -6.09 -4.51
N LEU B 95 -15.01 -5.28 -3.49
CA LEU B 95 -15.68 -5.41 -2.19
C LEU B 95 -15.99 -4.05 -1.59
N ASP B 96 -17.24 -3.89 -1.12
CA ASP B 96 -17.64 -2.76 -0.28
C ASP B 96 -17.28 -1.41 -0.90
N ASN B 97 -17.59 -1.26 -2.19
CA ASN B 97 -17.28 -0.02 -2.90
C ASN B 97 -18.40 0.97 -2.65
N GLY B 98 -18.28 1.73 -1.57
CA GLY B 98 -19.28 2.73 -1.23
C GLY B 98 -19.56 2.81 0.26
N ASP B 99 -20.81 3.09 0.61
CA ASP B 99 -21.22 3.19 2.00
C ASP B 99 -22.47 2.37 2.23
N PRO B 100 -22.64 1.80 3.44
CA PRO B 100 -23.79 0.96 3.78
C PRO B 100 -25.12 1.73 3.75
N GLY B 113 -20.97 7.65 -2.72
CA GLY B 113 -21.03 7.29 -4.13
C GLY B 113 -20.84 5.81 -4.36
N GLY B 114 -19.58 5.39 -4.48
CA GLY B 114 -19.25 4.01 -4.71
C GLY B 114 -19.03 3.72 -6.19
N LEU B 115 -18.43 2.55 -6.46
CA LEU B 115 -18.17 2.14 -7.82
C LEU B 115 -19.48 1.98 -8.59
N ARG B 116 -19.48 2.43 -9.84
CA ARG B 116 -20.66 2.37 -10.69
C ARG B 116 -20.60 1.24 -11.71
N GLU B 117 -19.50 1.17 -12.47
CA GLU B 117 -19.35 0.15 -13.51
C GLU B 117 -17.94 -0.42 -13.46
N LEU B 118 -17.80 -1.66 -13.91
CA LEU B 118 -16.49 -2.31 -13.91
C LEU B 118 -15.57 -1.72 -14.97
N GLN B 119 -16.06 -1.62 -16.21
CA GLN B 119 -15.37 -1.00 -17.33
C GLN B 119 -14.09 -1.73 -17.75
N LEU B 120 -13.87 -2.95 -17.27
CA LEU B 120 -12.72 -3.74 -17.70
C LEU B 120 -13.01 -4.26 -19.10
N ARG B 121 -12.91 -3.35 -20.07
CA ARG B 121 -13.43 -3.63 -21.41
C ARG B 121 -12.67 -4.75 -22.08
N SER B 122 -11.34 -4.74 -21.99
CA SER B 122 -10.51 -5.70 -22.70
C SER B 122 -10.11 -6.90 -21.84
N LEU B 123 -10.55 -6.96 -20.58
CA LEU B 123 -10.22 -8.10 -19.73
C LEU B 123 -10.65 -9.40 -20.39
N THR B 124 -9.68 -10.23 -20.75
CA THR B 124 -9.94 -11.43 -21.55
C THR B 124 -9.66 -12.72 -20.82
N GLU B 125 -8.54 -12.83 -20.13
CA GLU B 125 -8.17 -14.07 -19.45
C GLU B 125 -7.77 -13.80 -18.00
N ILE B 126 -8.21 -14.68 -17.12
CA ILE B 126 -7.71 -14.78 -15.75
C ILE B 126 -7.20 -16.22 -15.62
N LEU B 127 -5.87 -16.40 -15.66
CA LEU B 127 -5.30 -17.73 -15.78
C LEU B 127 -5.63 -18.59 -14.57
N LYS B 128 -5.36 -18.08 -13.36
CA LYS B 128 -5.62 -18.81 -12.13
C LYS B 128 -6.31 -17.89 -11.14
N GLY B 129 -7.44 -18.33 -10.61
CA GLY B 129 -8.16 -17.58 -9.60
C GLY B 129 -9.62 -17.43 -9.95
N GLY B 130 -10.33 -16.72 -9.08
CA GLY B 130 -11.75 -16.47 -9.27
C GLY B 130 -12.13 -15.03 -9.17
N VAL B 131 -13.43 -14.74 -9.16
CA VAL B 131 -13.96 -13.39 -9.06
C VAL B 131 -14.82 -13.31 -7.80
N LEU B 132 -14.63 -12.25 -7.03
CA LEU B 132 -15.38 -12.04 -5.80
C LEU B 132 -15.92 -10.61 -5.79
N ILE B 133 -17.24 -10.48 -5.93
CA ILE B 133 -17.92 -9.20 -5.93
C ILE B 133 -18.98 -9.24 -4.85
N GLN B 134 -18.86 -8.36 -3.86
CA GLN B 134 -19.74 -8.43 -2.70
C GLN B 134 -19.92 -7.07 -2.06
N ARG B 135 -21.14 -6.83 -1.55
CA ARG B 135 -21.45 -5.66 -0.72
C ARG B 135 -21.19 -4.34 -1.45
N ASN B 136 -21.49 -4.31 -2.75
CA ASN B 136 -21.36 -3.07 -3.52
C ASN B 136 -22.70 -2.37 -3.56
N PRO B 137 -22.85 -1.21 -2.91
CA PRO B 137 -24.17 -0.57 -2.85
C PRO B 137 -24.75 -0.18 -4.20
N GLN B 138 -23.93 0.27 -5.15
CA GLN B 138 -24.45 0.82 -6.40
C GLN B 138 -23.70 0.32 -7.62
N LEU B 139 -23.13 -0.87 -7.57
CA LEU B 139 -22.43 -1.44 -8.72
C LEU B 139 -23.40 -2.28 -9.54
N CYS B 140 -23.38 -2.09 -10.86
CA CYS B 140 -24.26 -2.80 -11.76
C CYS B 140 -23.44 -3.50 -12.85
N TYR B 141 -24.13 -4.33 -13.64
CA TYR B 141 -23.52 -5.12 -14.71
C TYR B 141 -22.48 -6.11 -14.17
N GLN B 142 -22.57 -6.42 -12.87
CA GLN B 142 -21.71 -7.40 -12.25
C GLN B 142 -22.21 -8.83 -12.45
N ASP B 143 -23.40 -9.01 -13.01
CA ASP B 143 -23.95 -10.33 -13.26
C ASP B 143 -24.29 -10.60 -14.71
N THR B 144 -24.34 -9.57 -15.56
CA THR B 144 -24.61 -9.77 -16.98
C THR B 144 -23.38 -10.22 -17.75
N ILE B 145 -22.19 -10.13 -17.16
CA ILE B 145 -20.94 -10.51 -17.83
C ILE B 145 -20.62 -11.95 -17.47
N LEU B 146 -20.41 -12.77 -18.51
CA LEU B 146 -20.00 -14.15 -18.28
C LEU B 146 -18.55 -14.20 -17.82
N TRP B 147 -18.27 -15.16 -16.94
CA TRP B 147 -16.91 -15.35 -16.42
C TRP B 147 -16.25 -16.61 -16.94
N LYS B 148 -17.02 -17.65 -17.26
CA LYS B 148 -16.44 -18.89 -17.77
C LYS B 148 -15.80 -18.71 -19.13
N ASP B 149 -16.15 -17.65 -19.86
CA ASP B 149 -15.48 -17.34 -21.12
C ASP B 149 -14.19 -16.57 -20.93
N ILE B 150 -13.90 -16.15 -19.70
CA ILE B 150 -12.69 -15.41 -19.38
C ILE B 150 -11.66 -16.30 -18.70
N PHE B 151 -12.09 -17.11 -17.74
CA PHE B 151 -11.18 -17.97 -17.00
C PHE B 151 -10.52 -18.99 -17.92
N HIS B 152 -9.24 -19.23 -17.69
CA HIS B 152 -8.47 -20.14 -18.53
C HIS B 152 -8.97 -21.57 -18.39
N LYS B 153 -8.84 -22.34 -19.48
CA LYS B 153 -9.26 -23.73 -19.47
C LYS B 153 -8.42 -24.57 -18.53
N ASN B 154 -7.10 -24.35 -18.50
CA ASN B 154 -6.22 -25.20 -17.71
C ASN B 154 -6.50 -25.06 -16.22
N ASN B 155 -6.74 -23.84 -15.74
CA ASN B 155 -6.99 -23.58 -14.32
C ASN B 155 -8.39 -22.97 -14.21
N GLN B 156 -9.40 -23.82 -14.04
CA GLN B 156 -10.79 -23.42 -13.98
C GLN B 156 -11.30 -23.33 -12.56
N LEU B 157 -10.46 -22.90 -11.62
CA LEU B 157 -10.85 -22.70 -10.23
C LEU B 157 -11.67 -21.41 -10.10
N ALA B 158 -12.82 -21.41 -10.75
CA ALA B 158 -13.68 -20.22 -10.86
C ALA B 158 -14.51 -20.08 -9.59
N LEU B 159 -13.84 -19.68 -8.51
CA LEU B 159 -14.52 -19.37 -7.26
C LEU B 159 -15.23 -18.03 -7.44
N THR B 160 -16.49 -18.09 -7.85
CA THR B 160 -17.28 -16.90 -8.15
C THR B 160 -18.29 -16.70 -7.04
N LEU B 161 -18.23 -15.53 -6.38
CA LEU B 161 -19.16 -15.14 -5.33
C LEU B 161 -19.58 -13.71 -5.61
N ILE B 162 -20.65 -13.54 -6.39
CA ILE B 162 -21.11 -12.24 -6.84
C ILE B 162 -22.44 -11.91 -6.16
N ASP B 163 -22.54 -10.70 -5.61
CA ASP B 163 -23.76 -10.22 -4.99
C ASP B 163 -24.54 -9.38 -6.00
N THR B 164 -25.82 -9.69 -6.15
CA THR B 164 -26.67 -9.02 -7.14
C THR B 164 -27.44 -7.84 -6.59
N ASN B 165 -27.40 -7.61 -5.27
CA ASN B 165 -28.16 -6.51 -4.68
C ASN B 165 -27.55 -5.18 -5.10
N ARG B 166 -28.40 -4.29 -5.63
CA ARG B 166 -27.98 -2.98 -6.09
C ARG B 166 -28.98 -1.94 -5.60
N SER B 167 -28.68 -0.67 -5.85
CA SER B 167 -29.54 0.42 -5.41
C SER B 167 -29.69 1.51 -6.47
N ARG B 168 -29.46 1.19 -7.74
CA ARG B 168 -29.58 2.18 -8.80
C ARG B 168 -30.05 1.53 -10.11
N ARG B 181 -24.96 -8.47 -21.00
CA ARG B 181 -23.78 -9.05 -21.61
C ARG B 181 -22.77 -7.95 -21.98
N CYS B 182 -22.52 -7.05 -21.04
CA CYS B 182 -21.62 -5.94 -21.28
C CYS B 182 -21.08 -5.44 -19.94
N TRP B 183 -19.95 -4.73 -20.02
CA TRP B 183 -19.33 -4.17 -18.82
C TRP B 183 -20.10 -2.96 -18.30
N GLY B 184 -20.64 -2.14 -19.20
CA GLY B 184 -21.36 -0.94 -18.82
C GLY B 184 -22.49 -0.65 -19.78
N GLU B 185 -23.18 0.46 -19.53
CA GLU B 185 -24.33 0.83 -20.35
C GLU B 185 -23.93 1.24 -21.75
N SER B 186 -22.72 1.77 -21.92
CA SER B 186 -22.30 2.28 -23.22
C SER B 186 -22.23 1.18 -24.26
N SER B 187 -22.46 1.55 -25.52
CA SER B 187 -22.36 0.60 -26.61
C SER B 187 -20.92 0.17 -26.88
N GLU B 188 -19.94 0.89 -26.35
CA GLU B 188 -18.54 0.54 -26.54
C GLU B 188 -18.06 -0.51 -25.54
N ASP B 189 -18.94 -0.95 -24.63
CA ASP B 189 -18.60 -1.95 -23.62
C ASP B 189 -18.98 -3.36 -24.05
N CYS B 190 -18.94 -3.63 -25.35
CA CYS B 190 -19.29 -4.96 -25.85
C CYS B 190 -18.31 -6.00 -25.35
N GLN B 191 -18.83 -7.11 -24.84
CA GLN B 191 -18.00 -8.19 -24.32
C GLN B 191 -17.73 -9.19 -25.45
N SER B 192 -16.45 -9.38 -25.78
CA SER B 192 -16.05 -10.28 -26.84
C SER B 192 -15.83 -11.66 -26.24
N LEU B 193 -16.82 -12.54 -26.39
CA LEU B 193 -16.66 -13.93 -25.96
C LEU B 193 -15.59 -14.61 -26.80
N THR B 194 -14.61 -15.21 -26.13
CA THR B 194 -13.43 -15.72 -26.81
C THR B 194 -13.29 -17.23 -26.70
N ARG B 195 -13.34 -17.79 -25.48
CA ARG B 195 -13.15 -19.22 -25.32
C ARG B 195 -14.37 -20.00 -25.78
N THR B 196 -15.58 -19.52 -25.48
CA THR B 196 -16.79 -20.24 -25.84
C THR B 196 -16.96 -20.33 -27.35
N VAL B 197 -16.69 -19.25 -28.06
CA VAL B 197 -16.86 -19.22 -29.51
C VAL B 197 -15.62 -19.80 -30.18
N CYS B 202 -9.22 -25.23 -29.97
CA CYS B 202 -8.18 -24.29 -29.58
C CYS B 202 -8.52 -23.61 -28.27
N ALA B 203 -7.50 -23.22 -27.51
CA ALA B 203 -7.72 -22.53 -26.25
C ALA B 203 -8.36 -21.17 -26.46
N ARG B 204 -7.84 -20.40 -27.42
CA ARG B 204 -8.36 -19.06 -27.70
C ARG B 204 -8.53 -18.91 -29.20
N CYS B 205 -9.48 -18.05 -29.59
CA CYS B 205 -9.81 -17.86 -30.99
C CYS B 205 -10.39 -16.44 -31.15
N LYS B 206 -10.99 -16.18 -32.30
CA LYS B 206 -11.59 -14.88 -32.57
C LYS B 206 -12.97 -15.01 -33.19
N CYS B 213 -8.69 -19.69 -35.02
CA CYS B 213 -8.07 -20.09 -33.76
C CYS B 213 -6.71 -19.42 -33.57
N CYS B 214 -6.34 -19.18 -32.31
CA CYS B 214 -5.08 -18.54 -31.98
C CYS B 214 -3.98 -19.60 -31.81
N HIS B 215 -2.73 -19.12 -31.82
CA HIS B 215 -1.60 -19.99 -31.59
C HIS B 215 -1.64 -20.54 -30.16
N GLU B 216 -0.98 -21.69 -29.97
CA GLU B 216 -1.03 -22.36 -28.67
C GLU B 216 -0.39 -21.54 -27.56
N GLN B 217 0.49 -20.60 -27.89
CA GLN B 217 1.20 -19.81 -26.90
C GLN B 217 0.57 -18.45 -26.67
N CYS B 218 -0.62 -18.21 -27.18
CA CYS B 218 -1.29 -16.92 -27.07
C CYS B 218 -2.38 -16.98 -26.00
N ALA B 219 -2.33 -16.03 -25.07
CA ALA B 219 -3.20 -16.07 -23.90
C ALA B 219 -4.54 -15.37 -24.12
N ALA B 220 -4.51 -14.08 -24.46
CA ALA B 220 -5.71 -13.26 -24.50
C ALA B 220 -5.95 -12.82 -25.95
N GLY B 221 -6.66 -13.65 -26.70
CA GLY B 221 -7.11 -13.30 -28.03
C GLY B 221 -5.97 -13.23 -29.03
N CYS B 222 -6.35 -13.01 -30.28
CA CYS B 222 -5.39 -12.86 -31.37
C CYS B 222 -6.07 -12.15 -32.53
N THR B 223 -5.25 -11.61 -33.43
CA THR B 223 -5.72 -10.97 -34.64
C THR B 223 -5.31 -11.73 -35.90
N GLY B 224 -4.82 -12.95 -35.75
CA GLY B 224 -4.36 -13.75 -36.87
C GLY B 224 -3.97 -15.15 -36.44
N PRO B 225 -3.51 -15.96 -37.40
CA PRO B 225 -3.17 -17.36 -37.09
C PRO B 225 -1.71 -17.60 -36.75
N LYS B 226 -0.84 -16.59 -36.84
CA LYS B 226 0.58 -16.77 -36.60
C LYS B 226 0.85 -16.75 -35.09
N HIS B 227 2.13 -16.82 -34.72
CA HIS B 227 2.55 -16.75 -33.33
C HIS B 227 3.15 -15.41 -32.96
N SER B 228 3.00 -14.41 -33.83
CA SER B 228 3.48 -13.05 -33.59
C SER B 228 2.36 -12.04 -33.78
N ASP B 229 1.12 -12.45 -33.59
CA ASP B 229 -0.04 -11.59 -33.80
C ASP B 229 -0.90 -11.41 -32.56
N CYS B 230 -0.87 -12.32 -31.60
CA CYS B 230 -1.73 -12.22 -30.45
C CYS B 230 -1.28 -11.07 -29.54
N LEU B 231 -2.17 -10.70 -28.63
CA LEU B 231 -1.99 -9.50 -27.81
C LEU B 231 -1.59 -9.81 -26.38
N ALA B 232 -1.34 -11.07 -26.05
CA ALA B 232 -0.78 -11.43 -24.75
C ALA B 232 -0.20 -12.84 -24.85
N CYS B 233 1.09 -12.97 -24.58
CA CYS B 233 1.72 -14.29 -24.63
C CYS B 233 1.32 -15.12 -23.41
N LEU B 234 0.97 -16.38 -23.67
CA LEU B 234 0.55 -17.26 -22.58
C LEU B 234 1.71 -17.64 -21.67
N HIS B 235 2.89 -17.87 -22.24
CA HIS B 235 4.04 -18.30 -21.47
C HIS B 235 5.16 -17.27 -21.47
N PHE B 236 5.64 -16.86 -22.64
CA PHE B 236 6.77 -15.95 -22.71
C PHE B 236 6.66 -15.08 -23.95
N ASN B 237 7.18 -13.86 -23.85
CA ASN B 237 7.18 -12.88 -24.93
C ASN B 237 8.62 -12.58 -25.31
N HIS B 238 9.13 -13.27 -26.34
CA HIS B 238 10.51 -13.08 -26.79
C HIS B 238 10.49 -12.06 -27.92
N SER B 239 10.52 -10.78 -27.53
CA SER B 239 10.55 -9.66 -28.46
C SER B 239 9.38 -9.72 -29.45
N GLY B 240 8.17 -9.81 -28.89
CA GLY B 240 6.97 -9.89 -29.69
C GLY B 240 6.63 -11.28 -30.18
N ILE B 241 7.46 -12.27 -29.89
CA ILE B 241 7.24 -13.65 -30.34
C ILE B 241 6.88 -14.48 -29.12
N CYS B 242 5.67 -15.04 -29.12
CA CYS B 242 5.22 -15.88 -28.02
C CYS B 242 5.80 -17.28 -28.17
N GLU B 243 6.57 -17.72 -27.17
CA GLU B 243 7.12 -19.07 -27.14
C GLU B 243 6.91 -19.69 -25.77
N LEU B 244 6.90 -21.02 -25.74
CA LEU B 244 6.65 -21.73 -24.49
C LEU B 244 7.81 -21.55 -23.51
N HIS B 245 9.05 -21.54 -24.01
CA HIS B 245 10.21 -21.38 -23.16
C HIS B 245 11.17 -20.40 -23.80
N CYS B 246 11.90 -19.67 -22.94
CA CYS B 246 12.89 -18.72 -23.44
C CYS B 246 14.04 -19.46 -24.10
N PRO B 247 14.61 -18.92 -25.18
CA PRO B 247 15.75 -19.56 -25.81
C PRO B 247 17.00 -19.50 -24.96
N ALA B 248 17.42 -20.65 -24.42
CA ALA B 248 18.59 -20.71 -23.56
C ALA B 248 19.87 -20.58 -24.36
N ARG B 266 18.89 -15.91 -24.02
CA ARG B 266 18.07 -14.89 -23.38
C ARG B 266 17.82 -15.20 -21.91
N TYR B 267 17.23 -14.24 -21.20
CA TYR B 267 16.93 -14.37 -19.78
C TYR B 267 15.43 -14.28 -19.58
N THR B 268 14.87 -15.22 -18.83
CA THR B 268 13.45 -15.17 -18.49
C THR B 268 13.22 -14.20 -17.34
N PHE B 269 12.17 -13.40 -17.46
CA PHE B 269 11.87 -12.37 -16.47
C PHE B 269 10.39 -12.08 -16.57
N GLY B 270 9.62 -12.42 -15.53
CA GLY B 270 8.19 -12.26 -15.58
C GLY B 270 7.56 -13.18 -16.60
N ALA B 271 7.09 -12.62 -17.72
CA ALA B 271 6.55 -13.40 -18.82
C ALA B 271 7.13 -12.94 -20.14
N SER B 272 8.37 -12.45 -20.13
CA SER B 272 9.02 -11.96 -21.34
C SER B 272 10.48 -12.40 -21.35
N CYS B 273 10.95 -12.82 -22.52
CA CYS B 273 12.34 -13.23 -22.70
C CYS B 273 13.18 -11.98 -22.90
N VAL B 274 13.75 -11.48 -21.80
CA VAL B 274 14.54 -10.25 -21.82
C VAL B 274 15.99 -10.60 -22.08
N THR B 275 16.71 -9.65 -22.72
CA THR B 275 18.11 -9.88 -23.02
C THR B 275 18.99 -9.75 -21.78
N ALA B 276 18.58 -8.93 -20.81
CA ALA B 276 19.33 -8.77 -19.58
C ALA B 276 18.36 -8.40 -18.46
N CYS B 277 18.68 -8.83 -17.26
CA CYS B 277 17.80 -8.60 -16.12
C CYS B 277 17.75 -7.11 -15.78
N PRO B 278 16.65 -6.64 -15.18
CA PRO B 278 16.58 -5.24 -14.75
C PRO B 278 17.59 -4.92 -13.66
N TYR B 279 17.62 -3.67 -13.22
CA TYR B 279 18.70 -3.21 -12.34
C TYR B 279 18.74 -3.98 -11.02
N ASN B 280 17.58 -4.12 -10.37
CA ASN B 280 17.51 -4.67 -9.02
C ASN B 280 17.07 -6.13 -9.01
N TYR B 281 17.49 -6.91 -10.01
CA TYR B 281 17.11 -8.31 -10.11
C TYR B 281 18.36 -9.18 -10.18
N LEU B 282 18.33 -10.29 -9.44
CA LEU B 282 19.45 -11.21 -9.44
C LEU B 282 19.35 -12.20 -10.59
N SER B 283 20.47 -12.44 -11.26
CA SER B 283 20.52 -13.36 -12.39
C SER B 283 21.17 -14.66 -11.96
N THR B 284 20.49 -15.77 -12.21
CA THR B 284 20.95 -17.08 -11.78
C THR B 284 21.54 -17.85 -12.96
N ASP B 285 22.17 -18.99 -12.63
CA ASP B 285 22.79 -19.82 -13.67
C ASP B 285 21.75 -20.46 -14.58
N VAL B 286 20.55 -20.74 -14.05
CA VAL B 286 19.50 -21.33 -14.88
C VAL B 286 19.09 -20.35 -15.97
N GLY B 287 19.09 -19.06 -15.66
CA GLY B 287 18.76 -18.04 -16.64
C GLY B 287 17.55 -17.22 -16.26
N SER B 288 17.24 -17.16 -14.96
CA SER B 288 16.07 -16.47 -14.46
C SER B 288 16.49 -15.21 -13.72
N CYS B 289 15.68 -14.16 -13.85
CA CYS B 289 15.88 -12.90 -13.14
C CYS B 289 14.94 -12.91 -11.93
N THR B 290 15.44 -13.43 -10.81
CA THR B 290 14.68 -13.54 -9.58
C THR B 290 15.23 -12.54 -8.56
N LEU B 291 14.59 -12.50 -7.39
CA LEU B 291 14.98 -11.57 -6.34
C LEU B 291 15.81 -12.22 -5.25
N VAL B 292 15.71 -13.53 -5.06
CA VAL B 292 16.48 -14.26 -4.07
C VAL B 292 17.09 -15.48 -4.72
N CYS B 293 18.38 -15.71 -4.46
CA CYS B 293 19.10 -16.85 -5.03
C CYS B 293 18.63 -18.16 -4.39
N VAL B 319 25.41 -16.64 6.71
CA VAL B 319 25.09 -15.25 6.46
C VAL B 319 23.86 -14.82 7.26
N CYS B 320 23.74 -13.53 7.52
CA CYS B 320 22.63 -13.02 8.30
C CYS B 320 21.33 -13.09 7.50
N TYR B 321 20.22 -13.25 8.21
CA TYR B 321 18.90 -13.26 7.61
C TYR B 321 17.99 -12.34 8.40
N GLY B 322 17.38 -11.38 7.71
CA GLY B 322 16.45 -10.47 8.33
C GLY B 322 15.07 -11.08 8.43
N LEU B 323 14.11 -10.24 8.83
CA LEU B 323 12.74 -10.69 9.01
C LEU B 323 12.19 -11.24 7.70
N GLY B 324 11.39 -12.30 7.80
CA GLY B 324 10.81 -12.92 6.63
C GLY B 324 11.78 -13.60 5.70
N MET B 325 12.82 -14.25 6.23
CA MET B 325 13.80 -14.90 5.38
C MET B 325 14.33 -16.16 6.07
N GLU B 326 13.65 -17.28 5.83
CA GLU B 326 14.18 -18.63 6.02
C GLU B 326 14.34 -19.03 7.48
N HIS B 327 14.23 -18.08 8.39
CA HIS B 327 14.10 -18.39 9.82
C HIS B 327 13.08 -17.50 10.53
N LEU B 328 12.80 -16.30 10.03
CA LEU B 328 11.92 -15.34 10.68
C LEU B 328 10.76 -14.99 9.75
N ARG B 329 10.26 -15.99 9.02
CA ARG B 329 9.18 -15.76 8.07
C ARG B 329 7.89 -15.34 8.76
N GLU B 330 7.78 -15.53 10.08
CA GLU B 330 6.59 -15.16 10.83
C GLU B 330 6.89 -14.13 11.92
N VAL B 331 8.09 -13.54 11.92
CA VAL B 331 8.45 -12.53 12.90
C VAL B 331 8.20 -11.15 12.30
N ARG B 332 7.53 -10.28 13.06
CA ARG B 332 7.08 -8.99 12.55
C ARG B 332 7.88 -7.82 13.06
N ALA B 333 8.73 -8.00 14.08
CA ALA B 333 9.46 -6.87 14.65
C ALA B 333 10.78 -7.36 15.20
N VAL B 334 11.72 -6.43 15.34
CA VAL B 334 13.05 -6.72 15.91
C VAL B 334 12.93 -6.51 17.41
N THR B 335 12.48 -7.54 18.12
CA THR B 335 12.33 -7.47 19.57
C THR B 335 13.69 -7.79 20.20
N SER B 336 13.71 -7.96 21.52
CA SER B 336 14.94 -8.32 22.21
C SER B 336 15.31 -9.79 22.04
N ALA B 337 14.38 -10.61 21.52
CA ALA B 337 14.68 -12.02 21.31
C ALA B 337 15.62 -12.23 20.13
N ASN B 338 15.41 -11.49 19.04
CA ASN B 338 16.13 -11.68 17.79
C ASN B 338 16.99 -10.48 17.44
N ILE B 339 17.67 -9.92 18.45
CA ILE B 339 18.62 -8.85 18.22
C ILE B 339 20.07 -9.31 18.32
N GLN B 340 20.35 -10.35 19.11
CA GLN B 340 21.72 -10.84 19.24
C GLN B 340 22.25 -11.41 17.94
N GLU B 341 21.38 -12.02 17.12
CA GLU B 341 21.84 -12.67 15.89
C GLU B 341 22.30 -11.68 14.83
N PHE B 342 22.03 -10.38 15.01
CA PHE B 342 22.45 -9.37 14.05
C PHE B 342 23.80 -8.74 14.39
N ALA B 343 24.44 -9.17 15.48
CA ALA B 343 25.67 -8.53 15.92
C ALA B 343 26.80 -8.85 14.94
N GLY B 344 27.58 -7.82 14.59
CA GLY B 344 28.71 -7.98 13.71
C GLY B 344 28.37 -8.18 12.26
N CYS B 345 27.10 -8.04 11.88
CA CYS B 345 26.68 -8.29 10.51
C CYS B 345 26.99 -7.10 9.61
N LYS B 346 27.29 -7.41 8.34
CA LYS B 346 27.55 -6.39 7.34
C LYS B 346 26.59 -6.42 6.17
N LYS B 347 25.67 -7.38 6.12
CA LYS B 347 24.65 -7.42 5.07
C LYS B 347 23.52 -8.30 5.54
N ILE B 348 22.34 -7.73 5.70
CA ILE B 348 21.16 -8.47 6.13
C ILE B 348 20.36 -8.86 4.90
N PHE B 349 20.07 -10.14 4.76
CA PHE B 349 19.29 -10.64 3.63
C PHE B 349 17.80 -10.60 3.92
N GLY B 350 17.29 -9.45 4.36
CA GLY B 350 15.90 -9.38 4.71
C GLY B 350 15.50 -7.97 5.12
N SER B 351 14.41 -7.89 5.86
CA SER B 351 13.83 -6.63 6.29
C SER B 351 14.33 -6.25 7.68
N LEU B 352 13.92 -5.05 8.12
CA LEU B 352 14.25 -4.57 9.46
C LEU B 352 13.08 -3.72 9.92
N ALA B 353 12.15 -4.34 10.66
CA ALA B 353 10.94 -3.68 11.12
C ALA B 353 11.04 -3.37 12.61
N PHE B 354 10.80 -2.12 12.97
CA PHE B 354 10.78 -1.68 14.37
C PHE B 354 9.35 -1.23 14.69
N LEU B 355 8.77 -1.82 15.72
CA LEU B 355 7.39 -1.64 16.09
C LEU B 355 7.29 -1.12 17.53
N PRO B 356 6.10 -0.66 17.95
CA PRO B 356 5.96 -0.24 19.34
C PRO B 356 6.25 -1.34 20.34
N GLU B 357 5.99 -2.60 19.99
CA GLU B 357 6.21 -3.71 20.91
C GLU B 357 7.66 -4.17 20.96
N SER B 358 8.55 -3.59 20.16
CA SER B 358 9.97 -3.92 20.27
C SER B 358 10.57 -3.33 21.53
N PHE B 359 10.10 -2.17 21.98
CA PHE B 359 10.67 -1.46 23.11
C PHE B 359 9.79 -1.53 24.36
N ASP B 360 8.78 -2.38 24.36
CA ASP B 360 8.04 -2.67 25.59
C ASP B 360 7.57 -4.14 25.51
N GLY B 361 8.35 -5.03 26.11
CA GLY B 361 8.05 -6.44 26.00
C GLY B 361 6.70 -6.77 26.61
N ASP B 362 6.00 -7.71 25.98
CA ASP B 362 4.68 -8.10 26.45
C ASP B 362 4.80 -8.84 27.79
N PRO B 363 3.86 -8.63 28.72
CA PRO B 363 3.91 -9.39 29.98
C PRO B 363 3.69 -10.88 29.81
N ALA B 364 3.11 -11.31 28.68
CA ALA B 364 2.84 -12.74 28.49
C ALA B 364 4.13 -13.55 28.46
N SER B 365 5.15 -13.05 27.78
CA SER B 365 6.43 -13.75 27.64
C SER B 365 7.53 -12.94 28.29
N ASN B 366 8.59 -13.64 28.70
CA ASN B 366 9.72 -13.00 29.38
C ASN B 366 10.61 -12.32 28.33
N THR B 367 10.08 -11.24 27.77
CA THR B 367 10.79 -10.45 26.75
C THR B 367 11.15 -9.11 27.38
N ALA B 368 12.42 -8.94 27.71
CA ALA B 368 12.88 -7.67 28.26
C ALA B 368 12.74 -6.56 27.22
N PRO B 369 12.33 -5.37 27.61
CA PRO B 369 12.22 -4.26 26.64
C PRO B 369 13.58 -3.93 26.03
N LEU B 370 13.58 -3.65 24.74
CA LEU B 370 14.82 -3.30 24.05
C LEU B 370 15.36 -1.99 24.57
N GLN B 371 16.68 -1.91 24.69
CA GLN B 371 17.33 -0.74 25.21
C GLN B 371 18.06 0.02 24.11
N PRO B 372 18.18 1.34 24.22
CA PRO B 372 18.93 2.09 23.21
C PRO B 372 20.38 1.68 23.10
N GLU B 373 20.96 1.11 24.16
CA GLU B 373 22.33 0.63 24.09
C GLU B 373 22.43 -0.66 23.29
N GLN B 374 21.37 -1.46 23.28
CA GLN B 374 21.37 -2.73 22.55
C GLN B 374 21.20 -2.56 21.05
N LEU B 375 20.84 -1.36 20.58
CA LEU B 375 20.68 -1.11 19.16
C LEU B 375 22.01 -0.93 18.43
N GLN B 376 23.13 -0.90 19.17
CA GLN B 376 24.43 -0.67 18.56
C GLN B 376 24.88 -1.82 17.67
N VAL B 377 24.20 -2.97 17.72
CA VAL B 377 24.56 -4.09 16.86
C VAL B 377 24.32 -3.81 15.39
N PHE B 378 23.59 -2.74 15.06
CA PHE B 378 23.38 -2.33 13.69
C PHE B 378 24.40 -1.30 13.21
N GLU B 379 25.38 -0.95 14.04
CA GLU B 379 26.41 -0.01 13.64
C GLU B 379 27.39 -0.59 12.62
N THR B 380 27.33 -1.89 12.37
CA THR B 380 28.18 -2.54 11.38
C THR B 380 27.43 -2.89 10.09
N LEU B 381 26.12 -2.68 10.05
CA LEU B 381 25.35 -2.99 8.85
C LEU B 381 25.79 -2.10 7.69
N GLU B 382 25.85 -2.69 6.50
CA GLU B 382 26.29 -1.99 5.30
C GLU B 382 25.24 -2.00 4.20
N GLU B 383 24.53 -3.10 4.02
CA GLU B 383 23.48 -3.22 3.02
C GLU B 383 22.35 -4.05 3.58
N ILE B 384 21.12 -3.66 3.28
CA ILE B 384 19.93 -4.39 3.71
C ILE B 384 19.12 -4.72 2.46
N THR B 385 18.77 -5.99 2.32
CA THR B 385 18.10 -6.49 1.13
C THR B 385 16.60 -6.25 1.15
N GLY B 386 16.06 -5.75 2.26
CA GLY B 386 14.63 -5.51 2.37
C GLY B 386 14.31 -4.07 2.73
N TYR B 387 13.28 -3.88 3.54
CA TYR B 387 12.84 -2.55 3.94
C TYR B 387 13.37 -2.19 5.32
N LEU B 388 13.39 -0.89 5.61
CA LEU B 388 13.76 -0.36 6.91
C LEU B 388 12.55 0.40 7.44
N TYR B 389 11.78 -0.24 8.31
CA TYR B 389 10.52 0.30 8.82
C TYR B 389 10.70 0.63 10.30
N ILE B 390 10.46 1.88 10.66
CA ILE B 390 10.53 2.33 12.04
C ILE B 390 9.25 3.06 12.38
N SER B 391 8.46 2.49 13.29
CA SER B 391 7.29 3.15 13.85
C SER B 391 7.42 3.41 15.34
N ALA B 392 8.55 3.06 15.93
CA ALA B 392 8.83 3.36 17.32
C ALA B 392 10.34 3.48 17.50
N TRP B 393 10.77 4.39 18.36
CA TRP B 393 12.17 4.71 18.56
C TRP B 393 12.31 5.19 19.99
N PRO B 394 13.40 4.85 20.67
CA PRO B 394 13.58 5.36 22.04
C PRO B 394 13.66 6.88 22.03
N ASP B 395 12.92 7.50 22.95
CA ASP B 395 12.86 8.95 22.99
C ASP B 395 14.19 9.57 23.38
N SER B 396 15.10 8.80 23.99
CA SER B 396 16.42 9.31 24.30
C SER B 396 17.26 9.54 23.05
N LEU B 397 17.06 8.72 22.03
CA LEU B 397 17.83 8.84 20.80
C LEU B 397 17.24 9.94 19.92
N PRO B 398 18.01 10.95 19.56
CA PRO B 398 17.48 12.03 18.71
C PRO B 398 17.68 11.82 17.22
N ASP B 399 18.25 10.70 16.79
CA ASP B 399 18.51 10.46 15.39
C ASP B 399 18.73 8.96 15.17
N LEU B 400 18.91 8.59 13.90
CA LEU B 400 19.14 7.21 13.49
C LEU B 400 20.62 6.92 13.26
N SER B 401 21.49 7.51 14.10
CA SER B 401 22.93 7.38 13.92
C SER B 401 23.41 5.94 14.01
N VAL B 402 22.63 5.04 14.61
CA VAL B 402 22.98 3.63 14.63
C VAL B 402 23.01 3.04 13.23
N PHE B 403 22.44 3.75 12.24
CA PHE B 403 22.47 3.35 10.84
C PHE B 403 23.33 4.29 10.00
N GLN B 404 24.36 4.88 10.61
CA GLN B 404 25.27 5.75 9.88
C GLN B 404 26.22 4.98 8.97
N ASN B 405 26.17 3.66 8.99
CA ASN B 405 26.99 2.82 8.13
C ASN B 405 26.19 2.11 7.04
N LEU B 406 24.87 2.06 7.15
CA LEU B 406 24.05 1.50 6.09
C LEU B 406 24.16 2.37 4.85
N GLN B 407 24.38 1.75 3.70
CA GLN B 407 24.63 2.47 2.45
C GLN B 407 23.54 2.32 1.42
N VAL B 408 22.94 1.14 1.28
CA VAL B 408 21.96 0.87 0.23
C VAL B 408 20.81 0.05 0.83
N ILE B 409 19.59 0.43 0.48
CA ILE B 409 18.40 -0.35 0.77
C ILE B 409 17.94 -0.94 -0.56
N ARG B 410 17.99 -2.26 -0.69
CA ARG B 410 17.76 -2.90 -1.98
C ARG B 410 16.30 -2.88 -2.39
N GLY B 411 15.38 -2.72 -1.43
CA GLY B 411 13.97 -2.68 -1.77
C GLY B 411 13.44 -3.93 -2.44
N ARG B 412 14.12 -5.06 -2.26
CA ARG B 412 13.61 -6.31 -2.81
C ARG B 412 12.37 -6.78 -2.06
N ILE B 413 12.30 -6.52 -0.76
CA ILE B 413 11.10 -6.73 0.05
C ILE B 413 10.67 -5.37 0.59
N LEU B 414 9.44 -4.99 0.29
CA LEU B 414 8.92 -3.67 0.66
C LEU B 414 7.78 -3.82 1.66
N HIS B 415 7.76 -2.94 2.66
CA HIS B 415 6.65 -2.93 3.61
C HIS B 415 5.37 -2.56 2.89
N ASN B 416 4.33 -3.36 3.10
CA ASN B 416 3.07 -3.27 2.38
C ASN B 416 3.24 -3.40 0.87
N GLY B 417 4.41 -3.84 0.42
CA GLY B 417 4.68 -3.98 -0.98
C GLY B 417 4.99 -2.70 -1.72
N ALA B 418 5.10 -1.57 -1.02
CA ALA B 418 5.26 -0.29 -1.69
C ALA B 418 6.42 0.54 -1.16
N TYR B 419 6.75 0.42 0.11
CA TYR B 419 7.68 1.32 0.77
C TYR B 419 8.96 0.57 1.16
N SER B 420 10.10 1.23 0.95
CA SER B 420 11.39 0.71 1.35
C SER B 420 12.02 1.46 2.52
N LEU B 421 11.50 2.64 2.87
CA LEU B 421 11.98 3.38 4.02
C LEU B 421 10.81 4.15 4.61
N THR B 422 10.44 3.82 5.85
CA THR B 422 9.32 4.45 6.53
C THR B 422 9.75 4.90 7.92
N LEU B 423 9.34 6.11 8.29
CA LEU B 423 9.62 6.68 9.62
C LEU B 423 8.38 7.45 10.05
N GLN B 424 7.56 6.84 10.91
CA GLN B 424 6.28 7.44 11.29
C GLN B 424 6.19 7.56 12.81
N GLY B 425 5.82 8.75 13.27
CA GLY B 425 5.62 8.98 14.69
C GLY B 425 6.83 8.69 15.56
N LEU B 426 8.01 9.17 15.15
CA LEU B 426 9.24 8.86 15.86
C LEU B 426 9.68 9.97 16.80
N GLY B 427 9.49 11.22 16.42
CA GLY B 427 9.95 12.32 17.26
C GLY B 427 11.44 12.53 17.23
N ILE B 428 12.09 12.19 16.13
CA ILE B 428 13.53 12.40 15.96
C ILE B 428 13.76 13.79 15.41
N SER B 429 14.85 14.42 15.83
CA SER B 429 15.14 15.79 15.44
C SER B 429 15.93 15.90 14.14
N TRP B 430 16.64 14.85 13.75
CA TRP B 430 17.28 14.79 12.44
C TRP B 430 17.49 13.34 12.07
N LEU B 431 17.48 13.07 10.76
CA LEU B 431 17.57 11.68 10.29
C LEU B 431 18.90 11.05 10.69
N GLY B 432 20.00 11.58 10.17
CA GLY B 432 21.31 11.05 10.49
C GLY B 432 21.76 9.87 9.67
N LEU B 433 21.10 9.59 8.55
CA LEU B 433 21.51 8.50 7.66
C LEU B 433 22.57 9.02 6.69
N ARG B 434 23.77 9.25 7.24
CA ARG B 434 24.83 9.90 6.48
C ARG B 434 25.42 9.01 5.38
N SER B 435 25.26 7.69 5.48
CA SER B 435 25.85 6.78 4.51
C SER B 435 24.86 6.27 3.47
N LEU B 436 23.57 6.56 3.61
CA LEU B 436 22.59 6.08 2.66
C LEU B 436 22.81 6.75 1.31
N ARG B 437 22.93 5.94 0.26
CA ARG B 437 23.19 6.49 -1.07
C ARG B 437 22.40 5.81 -2.18
N GLU B 438 21.44 4.94 -1.86
CA GLU B 438 20.66 4.28 -2.90
C GLU B 438 19.46 3.58 -2.26
N LEU B 439 18.31 3.71 -2.91
CA LEU B 439 17.12 2.91 -2.62
C LEU B 439 16.73 2.19 -3.90
N GLY B 440 16.97 0.88 -3.93
CA GLY B 440 16.83 0.14 -5.18
C GLY B 440 15.41 0.14 -5.72
N SER B 441 14.42 0.11 -4.83
CA SER B 441 13.03 0.08 -5.26
C SER B 441 12.16 0.57 -4.11
N GLY B 442 10.92 0.90 -4.44
CA GLY B 442 9.93 1.29 -3.46
C GLY B 442 9.97 2.79 -3.16
N LEU B 443 8.87 3.26 -2.59
CA LEU B 443 8.72 4.67 -2.25
C LEU B 443 9.36 4.94 -0.89
N ALA B 444 9.12 6.13 -0.34
CA ALA B 444 9.63 6.49 0.97
C ALA B 444 8.59 7.32 1.69
N LEU B 445 8.27 6.96 2.93
CA LEU B 445 7.32 7.68 3.76
C LEU B 445 8.04 8.21 4.98
N ILE B 446 8.05 9.54 5.13
CA ILE B 446 8.58 10.18 6.33
C ILE B 446 7.50 11.15 6.80
N HIS B 447 6.62 10.68 7.67
CA HIS B 447 5.45 11.46 8.06
C HIS B 447 5.22 11.32 9.56
N HIS B 448 4.49 12.31 10.10
CA HIS B 448 4.08 12.35 11.50
C HIS B 448 5.26 12.45 12.47
N ASN B 449 6.41 12.91 11.97
CA ASN B 449 7.58 13.15 12.82
C ASN B 449 7.61 14.63 13.16
N THR B 450 6.78 15.01 14.13
CA THR B 450 6.55 16.42 14.43
C THR B 450 7.76 17.12 15.05
N HIS B 451 8.90 16.44 15.19
CA HIS B 451 10.14 17.05 15.61
C HIS B 451 11.16 17.16 14.48
N LEU B 452 10.88 16.58 13.32
CA LEU B 452 11.91 16.23 12.35
C LEU B 452 12.12 17.34 11.33
N CYS B 453 13.30 17.94 11.34
CA CYS B 453 13.79 18.77 10.25
C CYS B 453 14.76 17.95 9.41
N PHE B 454 15.33 18.59 8.38
CA PHE B 454 16.34 17.98 7.53
C PHE B 454 15.77 16.85 6.67
N VAL B 455 14.52 17.02 6.22
CA VAL B 455 13.92 16.05 5.31
C VAL B 455 14.15 16.43 3.86
N HIS B 456 14.02 17.72 3.53
CA HIS B 456 14.25 18.17 2.16
C HIS B 456 15.72 18.25 1.81
N THR B 457 16.58 18.58 2.78
CA THR B 457 18.00 18.80 2.50
C THR B 457 18.70 17.54 2.00
N VAL B 458 18.15 16.37 2.27
CA VAL B 458 18.78 15.13 1.78
C VAL B 458 18.60 15.06 0.27
N PRO B 459 19.62 14.61 -0.48
CA PRO B 459 19.49 14.47 -1.95
C PRO B 459 18.70 13.22 -2.34
N TRP B 460 17.37 13.35 -2.31
CA TRP B 460 16.51 12.20 -2.51
C TRP B 460 16.59 11.67 -3.94
N ASP B 461 16.71 12.56 -4.92
CA ASP B 461 16.80 12.12 -6.30
C ASP B 461 18.08 11.32 -6.58
N GLN B 462 19.09 11.45 -5.73
CA GLN B 462 20.32 10.68 -5.87
C GLN B 462 20.24 9.34 -5.14
N LEU B 463 19.17 9.07 -4.40
CA LEU B 463 18.94 7.77 -3.80
C LEU B 463 18.07 6.88 -4.65
N PHE B 464 17.17 7.45 -5.43
CA PHE B 464 16.25 6.66 -6.25
C PHE B 464 16.95 6.16 -7.50
N ARG B 465 16.46 5.03 -8.02
CA ARG B 465 17.03 4.42 -9.21
C ARG B 465 16.02 4.09 -10.29
N ASN B 466 14.74 4.35 -10.07
CA ASN B 466 13.68 4.13 -11.05
C ASN B 466 12.87 5.40 -11.19
N PRO B 467 12.20 5.59 -12.33
CA PRO B 467 11.25 6.70 -12.42
C PRO B 467 9.89 6.34 -11.83
N HIS B 468 9.93 5.70 -10.66
CA HIS B 468 8.72 5.34 -9.93
C HIS B 468 8.84 5.57 -8.43
N GLN B 469 10.01 5.98 -7.94
CA GLN B 469 10.24 6.22 -6.53
C GLN B 469 10.07 7.69 -6.22
N ALA B 470 9.51 7.97 -5.04
CA ALA B 470 9.30 9.35 -4.62
C ALA B 470 9.27 9.38 -3.10
N LEU B 471 9.43 10.59 -2.56
CA LEU B 471 9.35 10.81 -1.12
C LEU B 471 7.98 11.37 -0.79
N LEU B 472 7.23 10.66 0.05
CA LEU B 472 5.94 11.11 0.54
C LEU B 472 6.11 11.53 2.00
N HIS B 473 5.83 12.79 2.30
CA HIS B 473 6.10 13.35 3.61
C HIS B 473 4.99 14.32 3.98
N THR B 474 4.34 14.08 5.12
CA THR B 474 3.35 14.99 5.67
C THR B 474 3.55 15.05 7.18
N ALA B 475 2.78 15.92 7.82
CA ALA B 475 2.66 15.98 9.28
C ALA B 475 3.99 16.17 9.99
N ASN B 476 5.03 16.57 9.27
CA ASN B 476 6.36 16.72 9.84
C ASN B 476 6.51 18.10 10.46
N ARG B 477 7.72 18.42 10.91
CA ARG B 477 8.01 19.75 11.42
C ARG B 477 7.93 20.77 10.28
N PRO B 478 7.32 21.94 10.51
CA PRO B 478 7.20 23.01 9.51
C PRO B 478 8.52 23.36 8.85
#